data_7PZ8
#
_entry.id   7PZ8
#
_cell.length_a   34.410
_cell.length_b   87.270
_cell.length_c   37.390
_cell.angle_alpha   90.000
_cell.angle_beta   104.990
_cell.angle_gamma   90.000
#
_symmetry.space_group_name_H-M   'P 1 21 1'
#
loop_
_entity.id
_entity.type
_entity.pdbx_description
1 polymer 'Gh61 isozyme a'
2 non-polymer 'COPPER (II) ION'
3 non-polymer 'ACRYLIC ACID'
4 non-polymer 2-acetamido-2-deoxy-beta-D-glucopyranose
5 non-polymer '4-(2-HYDROXYETHYL)-1-PIPERAZINE ETHANESULFONIC ACID'
6 water water
#
_entity_poly.entity_id   1
_entity_poly.type   'polypeptide(L)'
_entity_poly.pdbx_seq_one_letter_code
;(HIC)GFVQNIVIDGKNYGGYLVNQYPYMSNPPEVIAWSTTATDLGFVDGTGYQTPDIICHRGAKPGALTAPVSPGGTVE
LQWTPWPDSHHGPVINYLAPCNGDCSTVDKTQLEFFKIAESGLINDDNPPGIWASDNLIAANNSWTVTIPTTIAPGNYVL
RHEIIALHSAQNQDGAQNYPQCINLQVTGGGSDNPAGTLGTALYHDTDPGILINIYQKLSSYIIPGPPLYTG
;
_entity_poly.pdbx_strand_id   A
#
loop_
_chem_comp.id
_chem_comp.type
_chem_comp.name
_chem_comp.formula
AKR non-polymer 'ACRYLIC ACID' 'C3 H4 O2'
CU non-polymer 'COPPER (II) ION' 'Cu 2'
EPE non-polymer '4-(2-HYDROXYETHYL)-1-PIPERAZINE ETHANESULFONIC ACID' 'C8 H18 N2 O4 S'
NAG D-saccharide, beta linking 2-acetamido-2-deoxy-beta-D-glucopyranose 'C8 H15 N O6'
#
# COMPACT_ATOMS: atom_id res chain seq x y z
N HIC A 1 7.39 -6.20 -10.08
CA HIC A 1 6.64 -5.19 -10.92
C HIC A 1 5.18 -5.59 -11.04
O HIC A 1 4.85 -6.76 -11.30
CB HIC A 1 7.33 -5.09 -12.28
CG HIC A 1 8.58 -4.30 -12.21
ND1 HIC A 1 9.64 -4.67 -11.40
CD2 HIC A 1 8.96 -3.19 -12.92
CE1 HIC A 1 10.59 -3.77 -11.59
NE2 HIC A 1 10.23 -2.84 -12.49
CZ HIC A 1 11.01 -1.70 -13.00
N GLY A 2 4.34 -4.59 -10.86
CA GLY A 2 2.92 -4.79 -10.93
C GLY A 2 2.18 -3.62 -10.32
N PHE A 3 0.85 -3.68 -10.33
CA PHE A 3 0.00 -2.62 -9.78
C PHE A 3 -1.38 -3.19 -9.48
N VAL A 4 -2.18 -2.40 -8.77
CA VAL A 4 -3.57 -2.78 -8.41
C VAL A 4 -4.48 -2.45 -9.58
N GLN A 5 -5.14 -3.48 -10.12
CA GLN A 5 -6.00 -3.38 -11.32
CA GLN A 5 -5.99 -3.30 -11.31
C GLN A 5 -7.47 -3.21 -10.94
N ASN A 6 -7.87 -3.63 -9.75
CA ASN A 6 -9.30 -3.65 -9.42
C ASN A 6 -9.44 -3.72 -7.90
N ILE A 7 -10.53 -3.18 -7.40
CA ILE A 7 -10.85 -3.15 -5.97
C ILE A 7 -12.28 -3.66 -5.82
N VAL A 8 -12.49 -4.67 -5.01
CA VAL A 8 -13.85 -5.21 -4.79
C VAL A 8 -14.32 -4.74 -3.42
N ILE A 9 -15.43 -4.02 -3.40
CA ILE A 9 -16.10 -3.53 -2.16
C ILE A 9 -17.60 -3.75 -2.28
N ASP A 10 -18.19 -4.39 -1.27
CA ASP A 10 -19.65 -4.54 -1.07
C ASP A 10 -20.28 -4.99 -2.41
N GLY A 11 -19.69 -6.03 -3.00
CA GLY A 11 -20.33 -6.74 -4.13
C GLY A 11 -20.14 -6.09 -5.50
N LYS A 12 -19.26 -5.10 -5.64
CA LYS A 12 -19.03 -4.53 -6.98
C LYS A 12 -17.54 -4.30 -7.18
N ASN A 13 -17.15 -4.13 -8.43
CA ASN A 13 -15.77 -3.79 -8.77
C ASN A 13 -15.68 -2.28 -8.98
N TYR A 14 -14.66 -1.66 -8.36
CA TYR A 14 -14.21 -0.30 -8.64
C TYR A 14 -12.91 -0.48 -9.42
N GLY A 15 -12.90 -0.10 -10.68
CA GLY A 15 -11.67 -0.25 -11.48
C GLY A 15 -10.52 0.53 -10.89
N GLY A 16 -9.33 -0.03 -10.99
CA GLY A 16 -8.12 0.66 -10.52
C GLY A 16 -7.61 1.69 -11.50
N TYR A 17 -6.51 2.32 -11.11
CA TYR A 17 -5.73 3.19 -12.00
C TYR A 17 -4.84 2.30 -12.86
N LEU A 18 -5.24 2.11 -14.09
CA LEU A 18 -4.50 1.14 -14.96
C LEU A 18 -3.31 1.89 -15.57
N VAL A 19 -2.18 1.80 -14.88
CA VAL A 19 -1.02 2.66 -15.14
C VAL A 19 -0.38 2.28 -16.50
N ASN A 20 -0.76 1.17 -17.11
CA ASN A 20 -0.28 0.80 -18.47
C ASN A 20 -1.33 1.16 -19.53
N GLN A 21 -2.35 1.92 -19.18
CA GLN A 21 -3.38 2.36 -20.16
C GLN A 21 -3.67 3.85 -20.01
N TYR A 22 -4.07 4.26 -18.83
CA TYR A 22 -4.65 5.61 -18.63
C TYR A 22 -3.61 6.69 -18.88
N PRO A 23 -2.32 6.54 -18.52
CA PRO A 23 -1.35 7.59 -18.81
C PRO A 23 -1.18 7.83 -20.31
N TYR A 24 -1.65 6.92 -21.16
CA TYR A 24 -1.46 7.03 -22.62
C TYR A 24 -2.67 7.68 -23.29
N MET A 25 -3.70 8.06 -22.51
CA MET A 25 -5.05 8.41 -23.03
C MET A 25 -5.43 9.87 -23.03
N SER A 26 -4.96 10.67 -22.06
CA SER A 26 -5.03 12.18 -22.02
C SER A 26 -6.45 12.82 -21.90
N ASN A 27 -7.53 12.07 -22.17
CA ASN A 27 -8.81 12.25 -21.44
C ASN A 27 -9.10 10.98 -20.63
N PRO A 28 -8.34 10.61 -19.57
CA PRO A 28 -8.60 9.35 -18.86
C PRO A 28 -9.80 9.41 -17.90
N PRO A 29 -10.33 8.25 -17.49
CA PRO A 29 -11.51 8.15 -16.62
C PRO A 29 -11.33 8.48 -15.14
N GLU A 30 -12.43 8.81 -14.47
CA GLU A 30 -12.45 9.03 -13.01
C GLU A 30 -12.54 7.68 -12.29
N VAL A 31 -11.66 7.46 -11.30
CA VAL A 31 -11.63 6.23 -10.50
C VAL A 31 -11.42 6.57 -9.00
N ILE A 32 -11.56 5.56 -8.16
CA ILE A 32 -11.24 5.74 -6.70
C ILE A 32 -9.73 5.67 -6.47
N ALA A 33 -8.98 5.14 -7.42
CA ALA A 33 -7.54 4.94 -7.30
C ALA A 33 -6.79 6.20 -7.71
N TRP A 34 -5.68 6.47 -7.01
CA TRP A 34 -4.81 7.61 -7.38
C TRP A 34 -4.14 7.36 -8.73
N SER A 35 -3.96 8.41 -9.50
CA SER A 35 -3.15 8.32 -10.73
C SER A 35 -1.69 8.31 -10.29
N THR A 36 -0.84 7.67 -11.07
CA THR A 36 0.60 7.70 -10.86
C THR A 36 1.27 7.81 -12.23
N THR A 37 2.56 8.07 -12.22
CA THR A 37 3.38 8.07 -13.45
C THR A 37 4.26 6.82 -13.52
N ALA A 38 3.99 5.79 -12.74
CA ALA A 38 4.84 4.59 -12.65
C ALA A 38 4.49 3.60 -13.78
N THR A 39 4.66 4.05 -15.02
CA THR A 39 4.25 3.29 -16.22
C THR A 39 5.21 2.14 -16.50
N ASP A 40 6.37 2.13 -15.86
CA ASP A 40 7.30 0.98 -15.86
C ASP A 40 6.78 -0.15 -14.95
N LEU A 41 5.67 0.04 -14.23
CA LEU A 41 5.06 -0.90 -13.25
C LEU A 41 6.04 -1.12 -12.11
N GLY A 42 6.93 -0.15 -11.92
CA GLY A 42 8.02 -0.26 -10.93
C GLY A 42 7.69 0.34 -9.59
N PHE A 43 8.74 0.81 -8.93
CA PHE A 43 8.77 1.01 -7.48
C PHE A 43 9.38 2.35 -7.08
N VAL A 44 9.24 2.63 -5.80
CA VAL A 44 9.99 3.69 -5.12
C VAL A 44 11.01 2.99 -4.22
N ASP A 45 12.30 3.27 -4.43
CA ASP A 45 13.37 2.68 -3.61
C ASP A 45 13.79 3.71 -2.56
N GLY A 46 14.81 3.36 -1.78
CA GLY A 46 15.21 4.12 -0.60
C GLY A 46 15.65 5.54 -0.96
N THR A 47 16.09 5.77 -2.19
CA THR A 47 16.41 7.13 -2.68
C THR A 47 15.18 8.02 -2.68
N GLY A 48 13.95 7.47 -2.66
CA GLY A 48 12.73 8.28 -2.75
C GLY A 48 11.91 8.28 -1.47
N TYR A 49 12.41 7.67 -0.37
CA TYR A 49 11.64 7.57 0.88
C TYR A 49 11.32 8.94 1.50
N GLN A 50 12.14 9.96 1.23
CA GLN A 50 11.89 11.31 1.76
C GLN A 50 11.50 12.23 0.61
N THR A 51 10.96 11.68 -0.47
CA THR A 51 10.37 12.48 -1.56
C THR A 51 8.88 12.22 -1.55
N PRO A 52 8.08 13.09 -2.17
CA PRO A 52 6.66 12.81 -2.22
C PRO A 52 6.25 11.51 -2.93
N ASP A 53 7.16 10.94 -3.71
CA ASP A 53 6.85 9.73 -4.50
C ASP A 53 6.47 8.60 -3.55
N ILE A 54 7.01 8.52 -2.33
CA ILE A 54 6.75 7.34 -1.44
C ILE A 54 5.29 7.35 -1.01
N ILE A 55 4.60 8.48 -1.05
CA ILE A 55 3.28 8.63 -0.36
C ILE A 55 2.25 7.74 -1.06
N CYS A 56 2.08 7.92 -2.37
CA CYS A 56 1.11 7.15 -3.18
C CYS A 56 1.70 6.81 -4.54
N HIS A 57 3.03 6.70 -4.59
CA HIS A 57 3.83 6.27 -5.75
C HIS A 57 4.17 7.50 -6.61
N ARG A 58 4.99 7.29 -7.62
CA ARG A 58 5.61 8.39 -8.38
C ARG A 58 4.54 9.29 -9.00
N GLY A 59 4.67 10.59 -8.78
CA GLY A 59 3.83 11.62 -9.43
C GLY A 59 2.36 11.47 -9.11
N ALA A 60 2.02 10.85 -8.00
CA ALA A 60 0.62 10.46 -7.73
C ALA A 60 -0.26 11.70 -7.49
N LYS A 61 -1.51 11.60 -7.93
CA LYS A 61 -2.56 12.61 -7.70
C LYS A 61 -3.79 11.86 -7.21
N PRO A 62 -4.60 12.48 -6.32
CA PRO A 62 -5.78 11.80 -5.78
C PRO A 62 -6.73 11.32 -6.89
N GLY A 63 -7.32 10.17 -6.65
CA GLY A 63 -8.49 9.73 -7.41
C GLY A 63 -9.62 10.76 -7.30
N ALA A 64 -10.46 10.83 -8.32
CA ALA A 64 -11.60 11.78 -8.30
C ALA A 64 -12.72 11.20 -7.44
N LEU A 65 -12.83 9.89 -7.35
CA LEU A 65 -13.98 9.21 -6.72
C LEU A 65 -13.59 8.60 -5.36
N THR A 66 -14.57 8.31 -4.53
CA THR A 66 -14.42 7.70 -3.19
C THR A 66 -15.43 6.58 -3.04
N ALA A 67 -14.99 5.42 -2.58
CA ALA A 67 -15.86 4.24 -2.42
C ALA A 67 -16.33 4.13 -0.97
N PRO A 68 -17.65 4.05 -0.70
CA PRO A 68 -18.09 3.77 0.65
C PRO A 68 -17.79 2.35 1.06
N VAL A 69 -17.41 2.15 2.31
CA VAL A 69 -17.18 0.81 2.88
C VAL A 69 -18.14 0.65 4.06
N SER A 70 -18.78 -0.52 4.17
CA SER A 70 -19.64 -0.86 5.33
C SER A 70 -18.80 -0.86 6.61
N PRO A 71 -19.41 -0.70 7.80
CA PRO A 71 -18.63 -0.72 9.03
C PRO A 71 -17.93 -2.05 9.27
N GLY A 72 -16.60 -2.02 9.43
CA GLY A 72 -15.77 -3.22 9.58
C GLY A 72 -15.79 -4.06 8.29
N GLY A 73 -16.06 -3.40 7.16
CA GLY A 73 -16.16 -4.06 5.86
C GLY A 73 -14.80 -4.33 5.25
N THR A 74 -14.83 -5.12 4.21
CA THR A 74 -13.60 -5.55 3.51
C THR A 74 -13.41 -4.73 2.25
N VAL A 75 -12.14 -4.54 1.96
CA VAL A 75 -11.67 -3.97 0.67
C VAL A 75 -10.72 -5.01 0.09
N GLU A 76 -11.01 -5.55 -1.09
CA GLU A 76 -10.15 -6.58 -1.72
C GLU A 76 -9.42 -5.93 -2.87
N LEU A 77 -8.10 -5.84 -2.76
CA LEU A 77 -7.30 -5.22 -3.83
C LEU A 77 -6.74 -6.33 -4.70
N GLN A 78 -6.98 -6.22 -6.00
CA GLN A 78 -6.51 -7.25 -6.95
C GLN A 78 -5.35 -6.71 -7.77
N TRP A 79 -4.23 -7.40 -7.63
CA TRP A 79 -2.99 -7.04 -8.33
C TRP A 79 -2.91 -7.78 -9.66
N THR A 80 -2.08 -7.23 -10.53
CA THR A 80 -1.47 -7.98 -11.63
C THR A 80 -0.65 -9.10 -11.02
N PRO A 81 -0.28 -10.15 -11.77
CA PRO A 81 0.34 -11.33 -11.17
C PRO A 81 1.69 -11.02 -10.52
N TRP A 82 1.80 -11.26 -9.23
CA TRP A 82 2.98 -10.79 -8.49
C TRP A 82 4.07 -11.83 -8.68
N PRO A 83 5.31 -11.42 -9.02
CA PRO A 83 6.33 -12.43 -9.20
C PRO A 83 6.77 -13.05 -7.87
N ASP A 84 6.91 -14.36 -7.84
CA ASP A 84 7.35 -15.11 -6.63
C ASP A 84 8.67 -14.52 -6.11
N SER A 85 9.56 -14.10 -7.00
CA SER A 85 10.88 -13.56 -6.62
C SER A 85 10.75 -12.36 -5.68
N HIS A 86 9.69 -11.59 -5.81
CA HIS A 86 9.54 -10.28 -5.12
C HIS A 86 8.99 -10.51 -3.71
N HIS A 87 9.70 -11.27 -2.89
CA HIS A 87 9.33 -11.60 -1.53
C HIS A 87 9.36 -10.35 -0.67
N GLY A 88 8.35 -10.18 0.18
CA GLY A 88 8.39 -9.15 1.22
C GLY A 88 7.03 -8.95 1.86
N PRO A 89 6.99 -7.97 2.75
CA PRO A 89 5.78 -7.66 3.47
C PRO A 89 4.71 -6.96 2.65
N VAL A 90 3.50 -7.06 3.16
CA VAL A 90 2.31 -6.33 2.64
C VAL A 90 1.77 -5.51 3.80
N ILE A 91 1.61 -4.22 3.59
CA ILE A 91 1.33 -3.28 4.71
C ILE A 91 0.23 -2.36 4.25
N ASN A 92 -0.64 -1.99 5.19
CA ASN A 92 -1.81 -1.17 4.89
C ASN A 92 -1.91 -0.04 5.88
N TYR A 93 -2.18 1.15 5.37
CA TYR A 93 -2.28 2.37 6.19
C TYR A 93 -3.51 3.13 5.78
N LEU A 94 -4.09 3.87 6.71
CA LEU A 94 -5.12 4.87 6.42
C LEU A 94 -4.61 6.26 6.80
N ALA A 95 -5.04 7.26 6.06
CA ALA A 95 -4.84 8.66 6.47
C ALA A 95 -6.13 9.42 6.26
N PRO A 96 -6.57 10.23 7.24
CA PRO A 96 -7.82 10.95 7.07
C PRO A 96 -7.68 12.11 6.10
N CYS A 97 -8.71 12.34 5.31
CA CYS A 97 -8.76 13.41 4.30
C CYS A 97 -9.36 14.69 4.92
N ASN A 98 -10.14 14.55 5.98
CA ASN A 98 -10.78 15.71 6.66
C ASN A 98 -11.51 16.58 5.62
N GLY A 99 -12.26 15.94 4.74
CA GLY A 99 -12.86 16.57 3.56
C GLY A 99 -12.83 15.59 2.40
N ASP A 100 -12.98 16.11 1.19
CA ASP A 100 -13.01 15.26 -0.03
C ASP A 100 -11.59 14.78 -0.29
N CYS A 101 -11.39 13.46 -0.40
CA CYS A 101 -10.03 12.94 -0.68
C CYS A 101 -9.54 13.48 -2.03
N SER A 102 -10.42 13.83 -2.96
CA SER A 102 -9.97 14.22 -4.33
C SER A 102 -9.16 15.51 -4.30
N THR A 103 -9.24 16.31 -3.23
CA THR A 103 -8.61 17.65 -3.14
C THR A 103 -7.52 17.66 -2.07
N VAL A 104 -7.13 16.52 -1.51
CA VAL A 104 -6.11 16.54 -0.44
C VAL A 104 -4.74 16.87 -1.00
N ASP A 105 -3.93 17.45 -0.11
CA ASP A 105 -2.49 17.69 -0.32
C ASP A 105 -1.78 16.46 0.23
N LYS A 106 -1.30 15.58 -0.64
CA LYS A 106 -0.75 14.29 -0.19
C LYS A 106 0.41 14.50 0.80
N THR A 107 1.13 15.63 0.70
CA THR A 107 2.34 15.86 1.52
C THR A 107 1.96 16.14 2.98
N GLN A 108 0.69 16.34 3.29
CA GLN A 108 0.21 16.63 4.65
C GLN A 108 -0.50 15.42 5.26
N LEU A 109 -0.71 14.35 4.49
CA LEU A 109 -1.40 13.16 5.00
C LEU A 109 -0.57 12.52 6.10
N GLU A 110 -1.25 12.13 7.17
CA GLU A 110 -0.60 11.44 8.30
C GLU A 110 -1.23 10.07 8.48
N PHE A 111 -0.45 9.05 8.19
CA PHE A 111 -0.90 7.66 8.05
C PHE A 111 -0.77 6.92 9.36
N PHE A 112 -1.73 6.08 9.64
CA PHE A 112 -1.58 5.05 10.68
C PHE A 112 -1.72 3.67 10.06
N LYS A 113 -0.88 2.78 10.54
CA LYS A 113 -0.82 1.38 10.08
C LYS A 113 -2.02 0.64 10.63
N ILE A 114 -2.81 0.03 9.74
CA ILE A 114 -3.97 -0.79 10.18
C ILE A 114 -3.77 -2.29 10.03
N ALA A 115 -2.80 -2.72 9.23
CA ALA A 115 -2.46 -4.12 9.05
C ALA A 115 -1.03 -4.23 8.55
N GLU A 116 -0.41 -5.33 8.89
CA GLU A 116 0.94 -5.65 8.43
C GLU A 116 1.11 -7.15 8.42
N SER A 117 1.78 -7.63 7.40
CA SER A 117 2.16 -9.05 7.32
C SER A 117 3.57 -9.10 6.78
N GLY A 118 4.40 -9.98 7.31
CA GLY A 118 5.83 -10.01 6.98
C GLY A 118 6.34 -11.36 6.55
N LEU A 119 7.31 -11.86 7.27
CA LEU A 119 7.88 -13.20 7.03
C LEU A 119 6.99 -14.22 7.71
N ILE A 120 6.46 -15.14 6.92
CA ILE A 120 5.44 -16.09 7.42
C ILE A 120 6.14 -17.38 7.86
N ASN A 121 7.06 -17.86 7.05
CA ASN A 121 7.80 -19.11 7.32
C ASN A 121 9.17 -19.01 6.66
N ASP A 122 10.20 -19.55 7.31
CA ASP A 122 11.57 -19.47 6.77
C ASP A 122 12.21 -20.85 6.69
N ASP A 123 11.43 -21.90 6.52
CA ASP A 123 11.93 -23.30 6.45
C ASP A 123 12.90 -23.39 5.27
N ASN A 124 12.63 -22.73 4.16
CA ASN A 124 13.50 -22.78 2.96
C ASN A 124 13.82 -21.36 2.51
N PRO A 125 14.89 -20.73 3.02
CA PRO A 125 15.24 -19.34 2.64
C PRO A 125 15.23 -19.20 1.14
N PRO A 126 14.65 -18.13 0.58
CA PRO A 126 14.24 -16.93 1.34
C PRO A 126 12.91 -17.01 2.07
N GLY A 127 12.20 -18.11 1.97
CA GLY A 127 11.01 -18.33 2.80
C GLY A 127 9.75 -17.84 2.12
N ILE A 128 8.69 -17.82 2.90
CA ILE A 128 7.32 -17.52 2.48
C ILE A 128 6.94 -16.25 3.23
N TRP A 129 6.53 -15.25 2.45
CA TRP A 129 6.25 -13.89 2.91
C TRP A 129 4.80 -13.57 2.63
N ALA A 130 4.37 -12.45 3.16
CA ALA A 130 3.04 -11.90 2.88
C ALA A 130 2.83 -11.80 1.37
N SER A 131 3.84 -11.46 0.60
CA SER A 131 3.74 -11.35 -0.89
C SER A 131 3.39 -12.73 -1.47
N ASP A 132 3.93 -13.80 -0.86
CA ASP A 132 3.58 -15.18 -1.26
C ASP A 132 2.14 -15.53 -0.88
N ASN A 133 1.66 -15.07 0.27
CA ASN A 133 0.25 -15.22 0.63
C ASN A 133 -0.61 -14.53 -0.45
N LEU A 134 -0.18 -13.35 -0.91
CA LEU A 134 -0.94 -12.58 -1.92
C LEU A 134 -0.98 -13.43 -3.21
N ILE A 135 0.14 -13.97 -3.64
CA ILE A 135 0.17 -14.85 -4.84
C ILE A 135 -0.75 -16.05 -4.62
N ALA A 136 -0.70 -16.68 -3.44
CA ALA A 136 -1.50 -17.90 -3.16
C ALA A 136 -2.97 -17.55 -3.19
N ALA A 137 -3.36 -16.30 -2.94
CA ALA A 137 -4.76 -15.86 -2.99
C ALA A 137 -5.08 -15.36 -4.40
N ASN A 138 -4.32 -15.80 -5.40
CA ASN A 138 -4.55 -15.42 -6.80
C ASN A 138 -4.40 -13.89 -6.94
N ASN A 139 -3.42 -13.33 -6.25
CA ASN A 139 -2.96 -11.92 -6.43
C ASN A 139 -3.98 -10.95 -5.86
N SER A 140 -4.57 -11.32 -4.75
CA SER A 140 -5.47 -10.39 -4.07
C SER A 140 -5.11 -10.32 -2.60
N TRP A 141 -5.44 -9.19 -2.05
CA TRP A 141 -5.26 -8.88 -0.62
C TRP A 141 -6.59 -8.37 -0.05
N THR A 142 -6.99 -8.88 1.09
CA THR A 142 -8.21 -8.43 1.79
C THR A 142 -7.78 -7.57 2.99
N VAL A 143 -8.26 -6.33 3.00
CA VAL A 143 -8.10 -5.35 4.12
C VAL A 143 -9.42 -5.22 4.84
N THR A 144 -9.41 -5.38 6.16
CA THR A 144 -10.60 -5.14 6.99
C THR A 144 -10.46 -3.74 7.58
N ILE A 145 -11.43 -2.89 7.36
CA ILE A 145 -11.37 -1.52 7.91
C ILE A 145 -11.77 -1.57 9.37
N PRO A 146 -10.96 -1.04 10.31
CA PRO A 146 -11.31 -1.06 11.72
C PRO A 146 -12.65 -0.38 11.99
N THR A 147 -13.38 -0.91 12.98
CA THR A 147 -14.65 -0.35 13.47
C THR A 147 -14.42 0.72 14.54
N THR A 148 -13.20 0.85 15.06
CA THR A 148 -12.86 1.70 16.22
C THR A 148 -12.40 3.09 15.82
N ILE A 149 -12.20 3.36 14.51
CA ILE A 149 -11.72 4.67 14.03
C ILE A 149 -12.89 5.60 13.71
N ALA A 150 -12.66 6.90 13.80
CA ALA A 150 -13.63 7.93 13.42
C ALA A 150 -13.94 7.71 11.94
N PRO A 151 -15.22 7.60 11.60
CA PRO A 151 -15.57 7.48 10.20
C PRO A 151 -15.30 8.83 9.53
N GLY A 152 -15.28 8.79 8.20
CA GLY A 152 -14.98 9.91 7.32
C GLY A 152 -14.25 9.43 6.09
N ASN A 153 -13.70 10.36 5.35
CA ASN A 153 -12.99 10.01 4.10
C ASN A 153 -11.54 9.76 4.44
N TYR A 154 -10.98 8.69 3.89
CA TYR A 154 -9.58 8.28 4.16
C TYR A 154 -8.93 7.85 2.85
N VAL A 155 -7.64 8.04 2.79
CA VAL A 155 -6.79 7.37 1.78
C VAL A 155 -6.38 6.04 2.39
N LEU A 156 -6.57 4.93 1.68
CA LEU A 156 -5.93 3.62 1.98
C LEU A 156 -4.67 3.54 1.14
N ARG A 157 -3.54 3.44 1.84
CA ARG A 157 -2.22 3.24 1.22
C ARG A 157 -1.85 1.79 1.43
N HIS A 158 -1.94 1.03 0.33
CA HIS A 158 -1.74 -0.43 0.29
C HIS A 158 -0.42 -0.69 -0.40
N GLU A 159 0.44 -1.50 0.19
CA GLU A 159 1.83 -1.56 -0.31
C GLU A 159 2.40 -2.97 -0.20
N ILE A 160 3.15 -3.38 -1.21
CA ILE A 160 4.10 -4.52 -1.13
C ILE A 160 5.50 -3.91 -1.11
N ILE A 161 6.40 -4.44 -0.29
CA ILE A 161 7.84 -4.09 -0.34
C ILE A 161 8.57 -5.34 -0.78
N ALA A 162 9.13 -5.33 -1.99
CA ALA A 162 9.91 -6.48 -2.48
C ALA A 162 11.36 -6.38 -1.98
N LEU A 163 11.89 -7.46 -1.43
CA LEU A 163 13.21 -7.47 -0.75
C LEU A 163 14.27 -8.31 -1.50
N HIS A 164 13.99 -8.73 -2.73
CA HIS A 164 14.89 -9.66 -3.46
C HIS A 164 16.24 -9.00 -3.76
N SER A 165 16.32 -7.67 -3.79
CA SER A 165 17.56 -6.89 -4.03
C SER A 165 17.95 -6.09 -2.77
N ALA A 166 17.35 -6.37 -1.63
CA ALA A 166 17.42 -5.47 -0.47
C ALA A 166 18.72 -5.61 0.34
N GLN A 167 19.63 -6.47 -0.06
CA GLN A 167 20.89 -6.55 0.71
C GLN A 167 21.77 -5.34 0.40
N ASN A 168 21.49 -4.61 -0.68
CA ASN A 168 22.21 -3.39 -1.07
C ASN A 168 21.43 -2.17 -0.58
N GLN A 169 22.15 -1.15 -0.16
CA GLN A 169 21.58 0.18 0.10
C GLN A 169 20.66 0.59 -1.03
N ASP A 170 19.44 1.02 -0.69
CA ASP A 170 18.40 1.49 -1.63
C ASP A 170 17.92 0.36 -2.54
N GLY A 171 18.11 -0.90 -2.16
CA GLY A 171 17.71 -2.05 -3.00
C GLY A 171 16.27 -2.47 -2.78
N ALA A 172 15.68 -2.21 -1.63
CA ALA A 172 14.27 -2.56 -1.37
C ALA A 172 13.38 -1.79 -2.33
N GLN A 173 12.32 -2.45 -2.82
CA GLN A 173 11.40 -1.87 -3.82
C GLN A 173 10.03 -1.68 -3.20
N ASN A 174 9.59 -0.44 -3.02
CA ASN A 174 8.26 -0.18 -2.45
C ASN A 174 7.24 -0.01 -3.56
N TYR A 175 6.08 -0.64 -3.42
CA TYR A 175 4.97 -0.60 -4.41
C TYR A 175 3.71 -0.09 -3.73
N PRO A 176 3.63 1.22 -3.39
CA PRO A 176 2.41 1.76 -2.82
C PRO A 176 1.34 1.99 -3.88
N GLN A 177 0.10 1.73 -3.49
CA GLN A 177 -1.09 1.97 -4.31
C GLN A 177 -2.14 2.57 -3.38
N CYS A 178 -2.63 3.74 -3.74
CA CYS A 178 -3.60 4.46 -2.92
C CYS A 178 -4.99 4.49 -3.55
N ILE A 179 -5.99 4.39 -2.68
CA ILE A 179 -7.42 4.47 -3.07
C ILE A 179 -8.12 5.34 -2.02
N ASN A 180 -9.22 5.92 -2.47
CA ASN A 180 -10.09 6.79 -1.64
C ASN A 180 -11.26 5.99 -1.10
N LEU A 181 -11.44 5.99 0.21
CA LEU A 181 -12.54 5.30 0.92
C LEU A 181 -13.35 6.28 1.75
N GLN A 182 -14.65 6.04 1.83
CA GLN A 182 -15.53 6.62 2.84
C GLN A 182 -15.78 5.56 3.90
N VAL A 183 -15.10 5.70 5.03
CA VAL A 183 -15.26 4.81 6.22
C VAL A 183 -16.53 5.19 6.94
N THR A 184 -17.31 4.19 7.28
CA THR A 184 -18.66 4.41 7.90
C THR A 184 -18.70 3.71 9.25
N GLY A 185 -19.64 4.09 10.10
CA GLY A 185 -19.86 3.41 11.38
C GLY A 185 -19.79 4.35 12.55
N GLY A 186 -19.53 3.77 13.71
CA GLY A 186 -19.72 4.46 15.00
C GLY A 186 -18.45 4.73 15.77
N GLY A 187 -17.29 4.46 15.19
CA GLY A 187 -15.99 4.61 15.90
C GLY A 187 -15.61 6.04 16.24
N SER A 188 -14.60 6.22 17.09
CA SER A 188 -14.18 7.57 17.51
C SER A 188 -12.66 7.72 17.56
N ASP A 189 -11.85 6.68 17.36
CA ASP A 189 -10.37 6.87 17.51
C ASP A 189 -9.82 7.77 16.39
N ASN A 190 -8.90 8.67 16.72
CA ASN A 190 -8.11 9.44 15.73
C ASN A 190 -6.65 9.05 15.97
N PRO A 191 -6.19 7.92 15.43
CA PRO A 191 -4.88 7.38 15.80
C PRO A 191 -3.77 8.33 15.42
N ALA A 192 -2.69 8.28 16.20
CA ALA A 192 -1.50 9.08 15.87
C ALA A 192 -0.99 8.67 14.47
N GLY A 193 -0.71 9.67 13.64
CA GLY A 193 -0.34 9.48 12.25
C GLY A 193 1.09 9.89 11.97
N THR A 194 1.64 9.28 10.92
CA THR A 194 3.03 9.45 10.48
C THR A 194 3.03 10.03 9.07
N LEU A 195 3.76 11.10 8.80
CA LEU A 195 3.90 11.61 7.41
C LEU A 195 4.40 10.48 6.51
N GLY A 196 3.95 10.50 5.27
CA GLY A 196 4.46 9.55 4.27
C GLY A 196 5.98 9.48 4.20
N THR A 197 6.64 10.63 4.31
CA THR A 197 8.11 10.74 4.19
C THR A 197 8.79 10.34 5.50
N ALA A 198 8.06 9.94 6.53
CA ALA A 198 8.65 9.39 7.77
C ALA A 198 8.24 7.94 8.00
N LEU A 199 7.59 7.29 7.02
CA LEU A 199 7.27 5.84 7.17
C LEU A 199 8.54 5.01 7.19
N TYR A 200 9.46 5.26 6.26
CA TYR A 200 10.61 4.36 6.02
C TYR A 200 11.91 5.14 5.93
N HIS A 201 12.96 4.46 6.35
CA HIS A 201 14.34 4.95 6.15
CA HIS A 201 14.34 4.94 6.10
C HIS A 201 15.13 3.82 5.46
N ASP A 202 16.08 4.17 4.59
CA ASP A 202 16.74 3.18 3.73
C ASP A 202 17.71 2.28 4.52
N THR A 203 17.86 2.46 5.82
CA THR A 203 18.65 1.49 6.61
C THR A 203 17.80 0.76 7.63
N ASP A 204 16.50 0.86 7.55
CA ASP A 204 15.64 0.13 8.52
C ASP A 204 15.95 -1.36 8.47
N PRO A 205 15.79 -2.07 9.59
CA PRO A 205 16.16 -3.48 9.63
C PRO A 205 15.31 -4.39 8.73
N GLY A 206 14.08 -4.02 8.39
CA GLY A 206 13.25 -4.82 7.47
C GLY A 206 13.38 -4.30 6.04
N ILE A 207 14.27 -3.35 5.80
CA ILE A 207 14.47 -2.69 4.47
C ILE A 207 15.84 -3.03 3.91
N LEU A 208 16.89 -2.87 4.72
CA LEU A 208 18.28 -3.24 4.36
C LEU A 208 18.58 -4.57 5.04
N ILE A 209 18.48 -5.64 4.25
CA ILE A 209 18.36 -7.02 4.77
C ILE A 209 18.67 -7.99 3.65
N ASN A 210 19.36 -9.09 4.00
CA ASN A 210 19.63 -10.22 3.11
C ASN A 210 18.61 -11.30 3.43
N ILE A 211 17.58 -11.46 2.59
CA ILE A 211 16.51 -12.47 2.83
C ILE A 211 16.96 -13.88 2.41
N TYR A 212 18.11 -14.02 1.78
CA TYR A 212 18.53 -15.32 1.22
C TYR A 212 19.20 -16.19 2.27
N GLN A 213 19.63 -15.59 3.37
CA GLN A 213 20.16 -16.31 4.55
C GLN A 213 19.01 -16.64 5.49
N LYS A 214 19.20 -17.62 6.36
CA LYS A 214 18.20 -17.94 7.44
C LYS A 214 17.93 -16.68 8.28
N LEU A 215 16.68 -16.28 8.43
CA LEU A 215 16.31 -15.13 9.28
C LEU A 215 15.63 -15.66 10.54
N SER A 216 16.07 -15.17 11.71
CA SER A 216 15.56 -15.51 13.07
C SER A 216 14.29 -14.70 13.35
N SER A 217 14.20 -13.52 12.73
CA SER A 217 13.08 -12.57 12.91
C SER A 217 12.98 -11.72 11.64
N TYR A 218 11.90 -10.98 11.51
CA TYR A 218 11.76 -9.93 10.47
C TYR A 218 10.99 -8.79 11.12
N ILE A 219 11.59 -7.60 11.15
CA ILE A 219 10.94 -6.40 11.72
C ILE A 219 10.20 -5.67 10.62
N ILE A 220 8.88 -5.79 10.56
CA ILE A 220 8.09 -5.19 9.46
C ILE A 220 8.33 -3.68 9.55
N PRO A 221 8.72 -3.02 8.45
CA PRO A 221 8.99 -1.60 8.49
C PRO A 221 7.72 -0.77 8.70
N GLY A 222 7.97 0.50 9.02
CA GLY A 222 6.92 1.51 9.21
C GLY A 222 6.60 1.69 10.67
N PRO A 223 5.73 2.67 10.95
CA PRO A 223 5.35 3.00 12.32
C PRO A 223 4.51 1.91 12.93
N PRO A 224 4.30 1.97 14.26
CA PRO A 224 3.60 0.90 14.97
C PRO A 224 2.15 0.69 14.53
N LEU A 225 1.77 -0.57 14.44
CA LEU A 225 0.40 -1.02 14.15
C LEU A 225 -0.55 -0.38 15.15
N TYR A 226 -1.57 0.26 14.65
CA TYR A 226 -2.72 0.70 15.48
C TYR A 226 -3.62 -0.50 15.77
N THR A 227 -4.00 -0.65 17.04
CA THR A 227 -5.09 -1.54 17.51
C THR A 227 -5.93 -0.77 18.54
CU CU B . 9.60 -6.06 -10.12
CA AKR C . 14.77 -6.32 -9.89
CB AKR C . 15.96 -6.27 -9.32
C AKR C . 14.41 -7.18 -11.01
O AKR C . 13.21 -7.27 -11.34
OXT AKR C . 15.33 -7.80 -11.59
C1 NAG D . -5.81 -19.21 -9.21
C2 NAG D . -5.59 -20.60 -8.59
C3 NAG D . -4.95 -21.37 -9.81
C4 NAG D . -6.15 -21.61 -10.79
C5 NAG D . -6.84 -20.27 -11.16
C6 NAG D . -8.19 -20.54 -11.86
C7 NAG D . -4.07 -20.58 -6.54
C8 NAG D . -3.89 -21.13 -5.16
N2 NAG D . -5.26 -20.70 -7.11
O3 NAG D . -4.30 -22.62 -9.46
O4 NAG D . -5.77 -22.28 -11.98
O5 NAG D . -7.04 -19.46 -9.98
O6 NAG D . -8.84 -19.29 -12.18
O7 NAG D . -3.14 -20.13 -7.13
N1 EPE E . 3.74 -8.53 -15.33
C2 EPE E . 3.42 -7.16 -14.94
C3 EPE E . 1.94 -6.91 -15.07
N4 EPE E . 1.53 -6.98 -16.47
C5 EPE E . 1.76 -8.37 -16.88
C6 EPE E . 3.22 -8.77 -16.71
C7 EPE E . 0.14 -6.51 -16.56
C8 EPE E . -0.55 -6.43 -17.89
O8 EPE E . -1.73 -5.61 -17.77
C9 EPE E . 5.20 -8.79 -15.24
C10 EPE E . 5.80 -8.62 -13.84
S EPE E . 7.54 -8.91 -13.89
O1S EPE E . 7.78 -10.18 -14.53
O2S EPE E . 8.07 -8.71 -12.57
O3S EPE E . 8.08 -7.77 -14.80
#